data_6Q7U
#
_entry.id   6Q7U
#
_cell.length_a   116.592
_cell.length_b   116.592
_cell.length_c   115.328
_cell.angle_alpha   90.000
_cell.angle_beta   90.000
_cell.angle_gamma   120.000
#
_symmetry.space_group_name_H-M   'P 65 2 2'
#
loop_
_entity.id
_entity.type
_entity.pdbx_description
1 polymer 'Transcriptional regulator MvfR'
2 non-polymer 2-heptyl-1~{H}-quinolin-4-one
3 water water
#
_entity_poly.entity_id   1
_entity_poly.type   'polypeptide(L)'
_entity_poly.pdbx_seq_one_letter_code
;GPRNLRVLLDTAIPPSFCDTVSSVLLDDFNMVSLIRTSPADSLATIKQDNAEIDIAITIDEELKISRFNQCVLGYTKAFV
VAHPQHPLCNASLHSIASLANYRQISLGSRSGQHSNLLRPVSDKVLFVENFDDMLRLVEAGVGWGIAPHYFVEERLRNGT
LAVLSELYEPGGIDTKVYCYYNTALESERSFLRFLESARQRLRELGRQRFDDAPAWQPSIVETAQRRSG
;
_entity_poly.pdbx_strand_id   A
#
# COMPACT_ATOMS: atom_id res chain seq x y z
N ARG A 3 22.37 13.07 13.25
CA ARG A 3 21.67 11.79 13.26
C ARG A 3 20.57 11.77 12.20
N ASN A 4 20.82 11.06 11.10
CA ASN A 4 19.87 10.99 10.00
C ASN A 4 18.80 9.95 10.29
N LEU A 5 17.63 10.13 9.68
CA LEU A 5 16.49 9.25 9.86
C LEU A 5 15.91 8.91 8.48
N ARG A 6 16.15 7.68 8.03
CA ARG A 6 15.67 7.23 6.73
C ARG A 6 14.31 6.54 6.91
N VAL A 7 13.28 7.08 6.25
CA VAL A 7 11.92 6.60 6.39
C VAL A 7 11.45 6.02 5.05
N LEU A 8 10.55 5.05 5.12
CA LEU A 8 10.06 4.34 3.93
C LEU A 8 8.55 4.41 3.90
N LEU A 9 8.00 4.96 2.80
CA LEU A 9 6.56 5.04 2.58
C LEU A 9 6.26 4.42 1.23
N ASP A 10 5.54 3.30 1.21
CA ASP A 10 5.27 2.66 -0.06
C ASP A 10 4.27 3.49 -0.87
N THR A 11 4.13 3.15 -2.15
CA THR A 11 3.23 3.89 -3.03
C THR A 11 1.76 3.70 -2.67
N ALA A 12 1.44 2.75 -1.78
CA ALA A 12 0.05 2.55 -1.35
C ALA A 12 -0.37 3.48 -0.23
N ILE A 13 0.56 4.24 0.35
CA ILE A 13 0.24 5.20 1.39
C ILE A 13 -0.36 6.44 0.75
N PRO A 14 -1.62 6.78 0.99
CA PRO A 14 -2.20 8.00 0.38
C PRO A 14 -1.46 9.24 0.82
N PRO A 15 -1.50 10.31 0.02
CA PRO A 15 -0.69 11.51 0.36
C PRO A 15 -1.10 12.14 1.68
N SER A 16 -2.34 11.94 2.13
CA SER A 16 -2.74 12.45 3.44
C SER A 16 -1.87 11.84 4.54
N PHE A 17 -1.69 10.52 4.50
CA PHE A 17 -0.76 9.87 5.42
C PHE A 17 0.64 10.45 5.27
N CYS A 18 1.08 10.71 4.04
CA CYS A 18 2.43 11.20 3.82
C CYS A 18 2.64 12.57 4.46
N ASP A 19 1.65 13.46 4.35
CA ASP A 19 1.79 14.80 4.91
C ASP A 19 1.87 14.76 6.43
N THR A 20 1.27 13.74 7.05
CA THR A 20 1.28 13.65 8.51
C THR A 20 2.61 13.15 9.03
N VAL A 21 3.22 12.16 8.36
CA VAL A 21 4.49 11.60 8.82
C VAL A 21 5.58 12.67 8.77
N SER A 22 5.76 13.28 7.60
CA SER A 22 6.83 14.27 7.44
C SER A 22 6.66 15.45 8.38
N SER A 23 5.42 15.83 8.67
CA SER A 23 5.18 17.02 9.49
C SER A 23 5.72 16.83 10.90
N VAL A 24 5.45 15.67 11.50
CA VAL A 24 5.79 15.47 12.91
C VAL A 24 7.29 15.31 13.09
N LEU A 25 7.92 14.50 12.24
CA LEU A 25 9.34 14.19 12.42
C LEU A 25 10.19 15.44 12.48
N LEU A 26 9.76 16.52 11.83
CA LEU A 26 10.54 17.76 11.79
C LEU A 26 10.47 18.55 13.09
N ASP A 27 9.61 18.16 14.03
CA ASP A 27 9.52 18.88 15.29
C ASP A 27 10.67 18.52 16.23
N ASP A 28 11.07 17.25 16.23
CA ASP A 28 12.17 16.77 17.06
C ASP A 28 13.40 16.39 16.25
N PHE A 29 13.22 15.66 15.16
CA PHE A 29 14.33 15.30 14.28
C PHE A 29 14.57 16.40 13.25
N ASN A 30 15.84 16.67 12.98
CA ASN A 30 16.22 17.73 12.06
C ASN A 30 16.84 17.22 10.78
N MET A 31 16.88 15.90 10.58
CA MET A 31 17.39 15.31 9.34
C MET A 31 16.51 14.10 9.03
N VAL A 32 15.66 14.24 8.01
CA VAL A 32 14.70 13.21 7.64
C VAL A 32 14.81 12.94 6.14
N SER A 33 14.93 11.67 5.78
CA SER A 33 15.04 11.26 4.38
C SER A 33 13.82 10.40 4.05
N LEU A 34 12.94 10.92 3.21
CA LEU A 34 11.76 10.20 2.76
C LEU A 34 12.10 9.34 1.55
N ILE A 35 11.69 8.08 1.58
CA ILE A 35 11.98 7.13 0.51
C ILE A 35 10.68 6.43 0.12
N ARG A 36 10.37 6.43 -1.17
CA ARG A 36 9.18 5.78 -1.70
C ARG A 36 9.55 4.45 -2.32
N THR A 37 8.68 3.45 -2.16
CA THR A 37 8.93 2.12 -2.69
CA THR A 37 8.93 2.11 -2.65
C THR A 37 7.61 1.46 -3.04
N SER A 38 7.70 0.46 -3.91
CA SER A 38 6.53 -0.33 -4.23
C SER A 38 6.20 -1.23 -3.04
N PRO A 39 4.92 -1.34 -2.66
CA PRO A 39 4.59 -2.18 -1.49
C PRO A 39 5.16 -3.58 -1.57
N ALA A 40 5.37 -4.10 -2.79
CA ALA A 40 6.00 -5.41 -2.95
C ALA A 40 7.48 -5.37 -2.60
N ASP A 41 8.11 -4.20 -2.63
CA ASP A 41 9.52 -4.05 -2.33
C ASP A 41 9.77 -3.38 -0.99
N SER A 42 8.72 -3.14 -0.20
CA SER A 42 8.89 -2.47 1.09
C SER A 42 9.59 -3.37 2.08
N LEU A 43 9.00 -4.52 2.40
CA LEU A 43 9.62 -5.46 3.32
C LEU A 43 10.97 -5.92 2.82
N ALA A 44 11.16 -5.95 1.50
CA ALA A 44 12.42 -6.42 0.94
C ALA A 44 13.55 -5.43 1.16
N THR A 45 13.28 -4.13 0.98
CA THR A 45 14.35 -3.14 1.08
C THR A 45 14.80 -2.92 2.51
N ILE A 46 13.89 -3.09 3.48
CA ILE A 46 14.28 -2.91 4.88
C ILE A 46 15.17 -4.05 5.34
N LYS A 47 14.97 -5.26 4.79
CA LYS A 47 15.83 -6.39 5.13
C LYS A 47 17.25 -6.20 4.64
N GLN A 48 17.45 -5.37 3.62
CA GLN A 48 18.80 -5.11 3.12
C GLN A 48 19.67 -4.51 4.21
N ASP A 49 20.80 -5.16 4.49
CA ASP A 49 21.68 -4.68 5.54
C ASP A 49 22.24 -3.30 5.24
N ASN A 50 22.35 -2.95 3.95
CA ASN A 50 22.97 -1.70 3.55
C ASN A 50 21.98 -0.54 3.42
N ALA A 51 20.69 -0.82 3.30
CA ALA A 51 19.72 0.26 3.12
C ALA A 51 19.65 1.15 4.35
N GLU A 52 19.94 0.61 5.53
CA GLU A 52 19.90 1.36 6.79
C GLU A 52 18.61 2.16 6.89
N ILE A 53 17.48 1.47 6.74
CA ILE A 53 16.18 2.09 6.89
C ILE A 53 15.81 2.11 8.37
N ASP A 54 15.32 3.25 8.84
CA ASP A 54 14.99 3.43 10.26
C ASP A 54 13.50 3.30 10.54
N ILE A 55 12.64 3.77 9.65
CA ILE A 55 11.20 3.62 9.79
C ILE A 55 10.63 3.25 8.43
N ALA A 56 9.57 2.44 8.44
CA ALA A 56 8.90 2.03 7.22
C ALA A 56 7.39 2.00 7.48
N ILE A 57 6.63 2.53 6.53
CA ILE A 57 5.18 2.62 6.65
C ILE A 57 4.59 1.98 5.40
N THR A 58 4.19 0.72 5.50
CA THR A 58 3.66 -0.01 4.36
C THR A 58 2.46 -0.85 4.80
N ILE A 59 1.72 -1.36 3.81
CA ILE A 59 0.60 -2.24 4.08
C ILE A 59 1.00 -3.72 4.13
N ASP A 60 2.23 -4.04 3.70
CA ASP A 60 2.65 -5.43 3.62
C ASP A 60 2.80 -6.03 5.02
N GLU A 61 2.47 -7.32 5.13
CA GLU A 61 2.44 -8.02 6.42
C GLU A 61 3.63 -8.96 6.55
N GLU A 62 4.36 -8.83 7.65
CA GLU A 62 5.41 -9.78 8.01
C GLU A 62 5.92 -9.44 9.41
N LEU A 63 5.35 -10.10 10.43
CA LEU A 63 5.65 -9.72 11.81
C LEU A 63 7.05 -10.14 12.21
N LYS A 64 7.50 -11.33 11.80
CA LYS A 64 8.80 -11.85 12.19
C LYS A 64 9.87 -11.30 11.23
N ILE A 65 10.30 -10.08 11.53
CA ILE A 65 11.40 -9.44 10.80
C ILE A 65 12.52 -9.14 11.80
N SER A 66 13.74 -9.47 11.40
CA SER A 66 14.90 -9.21 12.26
C SER A 66 15.16 -7.71 12.34
N ARG A 67 15.66 -7.27 13.49
CA ARG A 67 16.08 -5.90 13.74
C ARG A 67 14.93 -4.91 13.69
N PHE A 68 13.68 -5.37 13.71
CA PHE A 68 12.54 -4.49 13.55
C PHE A 68 11.37 -4.96 14.41
N ASN A 69 10.58 -3.99 14.87
CA ASN A 69 9.30 -4.23 15.54
C ASN A 69 8.19 -3.77 14.60
N GLN A 70 6.95 -3.92 15.07
CA GLN A 70 5.78 -3.62 14.24
C GLN A 70 4.70 -2.94 15.08
N CYS A 71 3.93 -2.08 14.42
CA CYS A 71 2.77 -1.45 15.04
C CYS A 71 1.90 -0.88 13.93
N VAL A 72 0.68 -0.49 14.31
CA VAL A 72 -0.34 -0.03 13.38
C VAL A 72 -0.48 1.48 13.51
N LEU A 73 -0.55 2.16 12.38
CA LEU A 73 -0.77 3.60 12.32
C LEU A 73 -2.21 3.96 12.03
N GLY A 74 -2.81 3.34 11.02
CA GLY A 74 -4.18 3.62 10.68
C GLY A 74 -4.72 2.62 9.70
N TYR A 75 -5.76 3.02 8.98
CA TYR A 75 -6.41 2.18 8.00
C TYR A 75 -6.62 2.95 6.71
N THR A 76 -6.75 2.20 5.62
CA THR A 76 -6.98 2.80 4.31
C THR A 76 -7.71 1.78 3.43
N LYS A 77 -8.42 2.29 2.43
CA LYS A 77 -9.27 1.48 1.58
C LYS A 77 -8.58 1.19 0.25
N ALA A 78 -8.88 0.01 -0.29
CA ALA A 78 -8.39 -0.40 -1.60
C ALA A 78 -9.49 -1.16 -2.30
N PHE A 79 -9.51 -1.10 -3.63
CA PHE A 79 -10.60 -1.64 -4.41
C PHE A 79 -10.08 -2.55 -5.52
N VAL A 80 -10.95 -3.43 -5.98
CA VAL A 80 -10.70 -4.25 -7.16
C VAL A 80 -11.31 -3.52 -8.35
N VAL A 81 -10.46 -2.94 -9.19
CA VAL A 81 -10.92 -2.10 -10.28
C VAL A 81 -10.86 -2.87 -11.59
N ALA A 82 -11.51 -2.33 -12.62
CA ALA A 82 -11.54 -2.94 -13.94
C ALA A 82 -12.23 -1.97 -14.89
N HIS A 83 -12.03 -2.18 -16.19
CA HIS A 83 -12.70 -1.35 -17.19
C HIS A 83 -14.21 -1.52 -17.07
N PRO A 84 -14.99 -0.44 -17.17
CA PRO A 84 -16.45 -0.55 -16.96
C PRO A 84 -17.09 -1.56 -17.89
N GLN A 85 -16.43 -1.92 -18.98
CA GLN A 85 -16.92 -2.89 -19.93
C GLN A 85 -16.21 -4.23 -19.81
N HIS A 86 -15.48 -4.46 -18.73
CA HIS A 86 -14.83 -5.74 -18.53
C HIS A 86 -15.89 -6.84 -18.37
N PRO A 87 -15.65 -8.04 -18.91
CA PRO A 87 -16.66 -9.10 -18.77
C PRO A 87 -17.10 -9.34 -17.33
N LEU A 88 -16.18 -9.26 -16.37
CA LEU A 88 -16.52 -9.44 -14.96
C LEU A 88 -17.19 -8.20 -14.36
N CYS A 89 -17.58 -7.22 -15.19
CA CYS A 89 -18.22 -6.02 -14.67
C CYS A 89 -19.50 -6.33 -13.89
N ASN A 90 -20.11 -7.49 -14.13
CA ASN A 90 -21.34 -7.84 -13.44
C ASN A 90 -21.18 -7.85 -11.92
N ALA A 91 -19.95 -7.99 -11.43
CA ALA A 91 -19.66 -8.02 -10.00
C ALA A 91 -20.42 -9.13 -9.28
N SER A 92 -20.84 -10.15 -10.02
CA SER A 92 -21.64 -11.23 -9.45
C SER A 92 -20.81 -12.04 -8.46
N LEU A 93 -21.51 -12.89 -7.70
CA LEU A 93 -20.81 -13.81 -6.80
C LEU A 93 -19.91 -14.77 -7.57
N HIS A 94 -20.32 -15.15 -8.78
CA HIS A 94 -19.45 -15.94 -9.64
C HIS A 94 -18.28 -15.12 -10.18
N SER A 95 -18.44 -13.79 -10.26
CA SER A 95 -17.33 -12.94 -10.67
C SER A 95 -16.24 -12.90 -9.60
N ILE A 96 -16.63 -12.72 -8.34
CA ILE A 96 -15.66 -12.69 -7.26
C ILE A 96 -14.87 -14.00 -7.20
N ALA A 97 -15.52 -15.11 -7.54
CA ALA A 97 -14.83 -16.40 -7.51
C ALA A 97 -13.98 -16.61 -8.76
N SER A 98 -14.49 -16.22 -9.93
CA SER A 98 -13.78 -16.40 -11.18
C SER A 98 -12.71 -15.34 -11.42
N LEU A 99 -12.49 -14.43 -10.46
CA LEU A 99 -11.40 -13.46 -10.61
C LEU A 99 -10.06 -14.17 -10.80
N ALA A 100 -9.92 -15.38 -10.27
CA ALA A 100 -8.69 -16.16 -10.43
C ALA A 100 -8.56 -16.77 -11.82
N ASN A 101 -9.56 -16.60 -12.69
CA ASN A 101 -9.51 -17.14 -14.03
C ASN A 101 -9.19 -16.10 -15.09
N TYR A 102 -9.32 -14.82 -14.77
CA TYR A 102 -9.01 -13.74 -15.69
C TYR A 102 -7.65 -13.14 -15.36
N ARG A 103 -7.21 -12.23 -16.24
CA ARG A 103 -5.90 -11.62 -16.07
C ARG A 103 -5.92 -10.60 -14.94
N GLN A 104 -4.93 -10.68 -14.06
CA GLN A 104 -4.74 -9.70 -13.01
C GLN A 104 -3.50 -8.86 -13.31
N ILE A 105 -3.55 -7.59 -12.91
CA ILE A 105 -2.44 -6.67 -13.10
C ILE A 105 -1.87 -6.32 -11.73
N SER A 106 -1.03 -7.20 -11.19
CA SER A 106 -0.41 -6.97 -9.89
C SER A 106 0.97 -6.34 -10.07
N LEU A 107 1.51 -5.84 -8.97
CA LEU A 107 2.83 -5.21 -9.00
C LEU A 107 3.93 -6.27 -8.97
N GLY A 108 5.06 -5.94 -9.58
CA GLY A 108 6.19 -6.83 -9.61
C GLY A 108 7.13 -6.57 -8.45
N SER A 109 7.72 -7.63 -7.93
CA SER A 109 8.64 -7.57 -6.81
C SER A 109 10.07 -7.61 -7.33
N ARG A 110 10.87 -6.60 -6.96
CA ARG A 110 12.28 -6.62 -7.35
C ARG A 110 12.98 -7.87 -6.85
N SER A 111 12.47 -8.48 -5.79
CA SER A 111 13.00 -9.74 -5.28
C SER A 111 12.30 -10.95 -5.89
N GLY A 112 11.30 -10.74 -6.75
CA GLY A 112 10.53 -11.82 -7.30
C GLY A 112 9.63 -12.54 -6.33
N GLN A 113 9.60 -12.12 -5.07
CA GLN A 113 8.82 -12.78 -4.02
C GLN A 113 7.72 -11.83 -3.53
N HIS A 114 6.54 -12.39 -3.32
CA HIS A 114 5.40 -11.65 -2.79
C HIS A 114 4.94 -12.29 -1.49
N SER A 115 4.41 -11.46 -0.59
CA SER A 115 3.87 -11.95 0.67
C SER A 115 2.44 -12.43 0.47
N ASN A 116 1.89 -13.04 1.53
CA ASN A 116 0.51 -13.52 1.47
C ASN A 116 -0.46 -12.41 1.09
N LEU A 117 -0.19 -11.18 1.55
CA LEU A 117 -1.11 -10.08 1.31
C LEU A 117 -1.05 -9.63 -0.15
N LEU A 118 0.15 -9.45 -0.69
CA LEU A 118 0.34 -8.85 -2.00
C LEU A 118 0.54 -9.87 -3.11
N ARG A 119 0.62 -11.15 -2.79
CA ARG A 119 0.78 -12.16 -3.82
C ARG A 119 -0.40 -12.12 -4.78
N PRO A 120 -0.17 -12.19 -6.09
CA PRO A 120 -1.29 -12.18 -7.04
C PRO A 120 -2.20 -13.38 -6.82
N VAL A 121 -3.50 -13.10 -6.72
CA VAL A 121 -4.46 -14.16 -6.42
C VAL A 121 -4.77 -14.99 -7.66
N SER A 122 -4.69 -14.40 -8.85
CA SER A 122 -5.07 -15.08 -10.07
C SER A 122 -3.90 -15.87 -10.65
N ASP A 123 -4.23 -16.85 -11.50
CA ASP A 123 -3.21 -17.64 -12.17
C ASP A 123 -2.66 -16.89 -13.38
N LYS A 124 -3.52 -16.24 -14.15
CA LYS A 124 -3.10 -15.39 -15.25
C LYS A 124 -2.76 -14.02 -14.70
N VAL A 125 -1.47 -13.69 -14.67
CA VAL A 125 -0.99 -12.46 -14.04
C VAL A 125 -0.10 -11.71 -15.01
N LEU A 126 -0.12 -10.38 -14.89
CA LEU A 126 0.77 -9.51 -15.66
C LEU A 126 1.32 -8.45 -14.72
N PHE A 127 2.63 -8.43 -14.55
CA PHE A 127 3.27 -7.57 -13.56
C PHE A 127 3.60 -6.21 -14.15
N VAL A 128 3.75 -5.23 -13.26
CA VAL A 128 4.12 -3.86 -13.61
C VAL A 128 5.05 -3.32 -12.54
N GLU A 129 5.55 -2.10 -12.76
CA GLU A 129 6.51 -1.48 -11.85
C GLU A 129 5.83 -0.69 -10.73
N ASN A 130 4.83 0.11 -11.09
CA ASN A 130 4.13 0.96 -10.13
C ASN A 130 2.64 0.90 -10.42
N PHE A 131 1.86 1.58 -9.57
CA PHE A 131 0.41 1.61 -9.75
C PHE A 131 0.00 2.40 -10.99
N ASP A 132 0.79 3.40 -11.37
CA ASP A 132 0.48 4.16 -12.58
C ASP A 132 0.39 3.24 -13.79
N ASP A 133 1.36 2.33 -13.94
CA ASP A 133 1.35 1.41 -15.06
C ASP A 133 0.21 0.40 -14.95
N MET A 134 -0.21 0.09 -13.73
CA MET A 134 -1.36 -0.80 -13.57
C MET A 134 -2.62 -0.17 -14.13
N LEU A 135 -2.97 1.02 -13.64
CA LEU A 135 -4.24 1.64 -14.01
C LEU A 135 -4.34 1.83 -15.52
N ARG A 136 -3.24 2.25 -16.16
N ARG A 136 -3.24 2.25 -16.17
CA ARG A 136 -3.25 2.39 -17.61
CA ARG A 136 -3.26 2.39 -17.62
C ARG A 136 -3.73 1.11 -18.28
C ARG A 136 -3.71 1.10 -18.30
N LEU A 137 -3.12 -0.02 -17.92
CA LEU A 137 -3.55 -1.30 -18.49
C LEU A 137 -4.97 -1.64 -18.09
N VAL A 138 -5.39 -1.25 -16.89
CA VAL A 138 -6.75 -1.55 -16.45
C VAL A 138 -7.76 -0.69 -17.21
N GLU A 139 -7.43 0.58 -17.45
CA GLU A 139 -8.31 1.44 -18.23
C GLU A 139 -8.52 0.92 -19.64
N ALA A 140 -7.52 0.21 -20.18
CA ALA A 140 -7.59 -0.34 -21.53
C ALA A 140 -8.24 -1.71 -21.58
N GLY A 141 -8.94 -2.12 -20.51
CA GLY A 141 -9.61 -3.40 -20.49
C GLY A 141 -8.68 -4.60 -20.55
N VAL A 142 -7.39 -4.41 -20.28
CA VAL A 142 -6.45 -5.53 -20.33
C VAL A 142 -6.77 -6.53 -19.23
N GLY A 143 -7.12 -6.04 -18.04
CA GLY A 143 -7.45 -6.92 -16.95
C GLY A 143 -7.87 -6.12 -15.73
N TRP A 144 -7.98 -6.83 -14.61
CA TRP A 144 -8.36 -6.22 -13.34
C TRP A 144 -7.14 -6.15 -12.42
N GLY A 145 -7.26 -5.34 -11.38
CA GLY A 145 -6.18 -5.20 -10.42
C GLY A 145 -6.70 -4.61 -9.13
N ILE A 146 -5.80 -4.50 -8.15
CA ILE A 146 -6.12 -3.94 -6.85
C ILE A 146 -5.19 -2.75 -6.62
N ALA A 147 -5.78 -1.59 -6.39
CA ALA A 147 -5.03 -0.36 -6.20
C ALA A 147 -5.64 0.43 -5.05
N PRO A 148 -4.88 1.35 -4.46
CA PRO A 148 -5.43 2.17 -3.37
C PRO A 148 -6.65 2.97 -3.82
N HIS A 149 -7.28 3.62 -2.84
CA HIS A 149 -8.45 4.45 -3.13
C HIS A 149 -8.06 5.77 -3.79
N TYR A 150 -7.00 6.40 -3.31
CA TYR A 150 -6.61 7.69 -3.87
C TYR A 150 -6.07 7.57 -5.29
N PHE A 151 -5.61 6.39 -5.69
CA PHE A 151 -5.23 6.14 -7.06
C PHE A 151 -6.43 5.95 -7.99
N VAL A 152 -7.64 5.86 -7.46
CA VAL A 152 -8.80 5.46 -8.23
C VAL A 152 -9.97 6.40 -7.98
N GLU A 153 -9.87 7.25 -6.95
CA GLU A 153 -10.98 8.13 -6.60
C GLU A 153 -11.41 8.98 -7.78
N GLU A 154 -10.45 9.48 -8.57
CA GLU A 154 -10.77 10.34 -9.70
C GLU A 154 -11.39 9.54 -10.84
N ARG A 155 -10.78 8.42 -11.20
CA ARG A 155 -11.23 7.65 -12.36
C ARG A 155 -12.64 7.10 -12.19
N LEU A 156 -13.09 6.91 -10.95
CA LEU A 156 -14.44 6.39 -10.73
C LEU A 156 -15.50 7.44 -11.04
N ARG A 157 -15.36 8.63 -10.45
CA ARG A 157 -16.30 9.71 -10.73
C ARG A 157 -16.37 10.01 -12.22
N ASN A 158 -15.25 9.85 -12.94
CA ASN A 158 -15.24 10.01 -14.39
C ASN A 158 -15.78 8.79 -15.11
N GLY A 159 -16.17 7.74 -14.40
CA GLY A 159 -16.61 6.52 -15.02
C GLY A 159 -15.54 5.73 -15.73
N THR A 160 -14.28 6.18 -15.68
CA THR A 160 -13.20 5.49 -16.37
C THR A 160 -12.97 4.08 -15.83
N LEU A 161 -13.34 3.84 -14.58
CA LEU A 161 -13.15 2.55 -13.94
C LEU A 161 -14.44 2.14 -13.24
N ALA A 162 -14.50 0.86 -12.87
CA ALA A 162 -15.60 0.31 -12.11
C ALA A 162 -15.06 -0.50 -10.94
N VAL A 163 -15.89 -0.65 -9.91
CA VAL A 163 -15.50 -1.35 -8.69
C VAL A 163 -16.17 -2.71 -8.68
N LEU A 164 -15.47 -3.72 -8.16
CA LEU A 164 -15.99 -5.08 -8.08
C LEU A 164 -15.91 -5.68 -6.69
N SER A 165 -15.21 -5.05 -5.75
CA SER A 165 -15.01 -5.59 -4.42
C SER A 165 -16.21 -5.40 -3.50
N GLU A 166 -17.18 -4.56 -3.88
CA GLU A 166 -18.33 -4.31 -3.01
C GLU A 166 -18.99 -5.62 -2.58
N LEU A 167 -19.04 -6.59 -3.47
CA LEU A 167 -19.61 -7.90 -3.11
C LEU A 167 -18.69 -8.65 -2.16
N TYR A 168 -17.38 -8.42 -2.25
CA TYR A 168 -16.43 -9.08 -1.36
C TYR A 168 -16.35 -8.36 -0.01
N GLU A 169 -16.15 -7.04 -0.04
CA GLU A 169 -16.11 -6.23 1.19
C GLU A 169 -16.68 -4.86 0.86
N PRO A 170 -17.94 -4.61 1.22
CA PRO A 170 -18.54 -3.30 0.94
C PRO A 170 -17.71 -2.16 1.53
N GLY A 171 -17.86 -0.98 0.93
CA GLY A 171 -17.13 0.19 1.38
C GLY A 171 -15.65 0.17 1.12
N GLY A 172 -15.16 -0.79 0.35
CA GLY A 172 -13.74 -0.91 0.08
C GLY A 172 -13.06 -1.89 1.02
N ILE A 173 -11.91 -2.39 0.56
CA ILE A 173 -11.13 -3.35 1.34
C ILE A 173 -10.31 -2.56 2.36
N ASP A 174 -10.79 -2.50 3.59
CA ASP A 174 -10.05 -1.84 4.66
C ASP A 174 -8.71 -2.53 4.83
N THR A 175 -7.63 -1.76 4.75
CA THR A 175 -6.28 -2.30 4.80
C THR A 175 -5.48 -1.60 5.90
N LYS A 176 -4.72 -2.39 6.66
CA LYS A 176 -3.90 -1.85 7.74
C LYS A 176 -2.64 -1.21 7.19
N VAL A 177 -2.24 -0.10 7.80
CA VAL A 177 -1.00 0.59 7.48
C VAL A 177 -0.06 0.38 8.67
N TYR A 178 0.88 -0.55 8.52
CA TYR A 178 1.81 -0.86 9.60
C TYR A 178 2.96 0.13 9.62
N CYS A 179 3.65 0.18 10.77
CA CYS A 179 4.83 1.01 10.93
C CYS A 179 5.94 0.16 11.52
N TYR A 180 6.93 -0.16 10.70
CA TYR A 180 8.10 -0.90 11.14
C TYR A 180 9.17 0.09 11.57
N TYR A 181 9.62 -0.02 12.82
CA TYR A 181 10.60 0.91 13.37
C TYR A 181 11.77 0.12 13.95
N ASN A 182 12.98 0.62 13.70
CA ASN A 182 14.18 -0.01 14.23
C ASN A 182 14.09 -0.13 15.75
N THR A 183 14.58 -1.26 16.27
CA THR A 183 14.50 -1.50 17.71
C THR A 183 15.25 -0.44 18.51
N ALA A 184 16.21 0.25 17.90
CA ALA A 184 16.97 1.28 18.61
C ALA A 184 16.12 2.47 19.01
N LEU A 185 15.00 2.70 18.31
CA LEU A 185 14.17 3.87 18.55
C LEU A 185 13.13 3.64 19.62
N GLU A 186 12.92 2.40 20.07
CA GLU A 186 11.91 2.12 21.08
C GLU A 186 12.20 2.85 22.38
N SER A 187 13.44 3.26 22.61
CA SER A 187 13.82 3.97 23.83
C SER A 187 13.63 5.48 23.69
N GLU A 188 14.10 6.06 22.60
CA GLU A 188 14.01 7.50 22.41
C GLU A 188 12.55 7.94 22.42
N ARG A 189 12.23 8.86 23.34
CA ARG A 189 10.87 9.38 23.44
C ARG A 189 10.48 10.23 22.24
N SER A 190 11.43 10.65 21.42
CA SER A 190 11.09 11.35 20.18
C SER A 190 10.19 10.49 19.30
N PHE A 191 10.48 9.20 19.23
CA PHE A 191 9.61 8.30 18.46
C PHE A 191 8.27 8.09 19.14
N LEU A 192 8.26 8.03 20.47
CA LEU A 192 7.01 7.91 21.20
C LEU A 192 6.05 9.02 20.82
N ARG A 193 6.54 10.27 20.81
CA ARG A 193 5.70 11.41 20.45
C ARG A 193 5.25 11.36 19.00
N PHE A 194 5.99 10.65 18.14
CA PHE A 194 5.62 10.58 16.73
C PHE A 194 4.32 9.80 16.54
N LEU A 195 4.25 8.58 17.09
CA LEU A 195 3.05 7.77 16.93
C LEU A 195 1.83 8.46 17.54
N GLU A 196 1.94 8.87 18.80
CA GLU A 196 0.82 9.54 19.47
C GLU A 196 0.31 10.72 18.67
N SER A 197 1.17 11.34 17.86
CA SER A 197 0.78 12.47 17.02
C SER A 197 0.35 12.01 15.64
N ALA A 198 1.14 11.15 15.00
CA ALA A 198 0.78 10.66 13.67
C ALA A 198 -0.57 9.95 13.69
N ARG A 199 -0.81 9.14 14.73
CA ARG A 199 -2.07 8.40 14.80
C ARG A 199 -3.24 9.34 15.07
N GLN A 200 -3.13 10.19 16.10
CA GLN A 200 -4.24 11.07 16.47
C GLN A 200 -4.68 11.96 15.31
N ARG A 201 -3.77 12.26 14.38
CA ARG A 201 -4.13 13.06 13.22
C ARG A 201 -4.81 12.21 12.15
N LEU A 202 -4.28 11.02 11.89
CA LEU A 202 -4.92 10.13 10.92
C LEU A 202 -6.35 9.79 11.35
N ARG A 203 -6.60 9.71 12.67
CA ARG A 203 -7.94 9.46 13.15
C ARG A 203 -8.88 10.61 12.80
N GLU A 204 -8.37 11.84 12.75
CA GLU A 204 -9.19 12.99 12.37
C GLU A 204 -9.60 12.94 10.90
N LEU A 205 -8.88 12.20 10.07
CA LEU A 205 -9.25 12.09 8.67
C LEU A 205 -10.64 11.49 8.51
N GLY A 206 -10.87 10.35 9.14
CA GLY A 206 -12.17 9.69 9.07
C GLY A 206 -13.16 10.25 10.06
#